data_6ITM
#
_entry.id   6ITM
#
_cell.length_a   101.484
_cell.length_b   130.192
_cell.length_c   37.654
_cell.angle_alpha   90.000
_cell.angle_beta   90.000
_cell.angle_gamma   90.000
#
_symmetry.space_group_name_H-M   'P 21 21 2'
#
loop_
_entity.id
_entity.type
_entity.pdbx_description
1 polymer 'Bile acid receptor'
2 polymer 'HD3 Peptide from Nuclear receptor coactivator 1'
3 non-polymer 1-adamantyl-[4-(5-chloranyl-2-methyl-phenyl)piperazin-1-yl]methanone
4 water water
#
loop_
_entity_poly.entity_id
_entity_poly.type
_entity_poly.pdbx_seq_one_letter_code
_entity_poly.pdbx_strand_id
1 'polypeptide(L)'
;MGHHHHHHGSTELTPDQQTLLHFIMDSYNKQRMPQEITNKILKEAFSAEENFLILTEMATNHVQVLVEFTKKLPGFQTLD
HEDQIALLKGSAVEAMFLRSAEIFNKKLPSGHSDLLEARIRNSGISDEYITPMFSFYKSIGELKMTQEEYALLTAIVILS
PDRQYIKDREAVEKLQEPLLDVLQKLCKIHQPENPQHFACLLGRLTELRTFNHHHAEMLMSWRVNDHKFTPLLCEIWDVQ
;
A,C
2 'polypeptide(L)' KDHQLLRYLLDKDE B,D
#
loop_
_chem_comp.id
_chem_comp.type
_chem_comp.name
_chem_comp.formula
AWL non-polymer 1-adamantyl-[4-(5-chloranyl-2-methyl-phenyl)piperazin-1-yl]methanone 'C22 H29 Cl N2 O'
#
# COMPACT_ATOMS: atom_id res chain seq x y z
N GLU A 12 -14.23 14.01 -5.41
CA GLU A 12 -13.99 15.39 -5.94
C GLU A 12 -13.56 16.42 -4.83
N LEU A 13 -12.75 17.40 -5.25
CA LEU A 13 -12.13 18.36 -4.34
C LEU A 13 -13.06 19.53 -4.07
N THR A 14 -13.33 19.79 -2.79
CA THR A 14 -14.08 20.97 -2.41
C THR A 14 -13.26 22.20 -2.84
N PRO A 15 -13.93 23.35 -3.06
CA PRO A 15 -13.12 24.49 -3.52
C PRO A 15 -12.01 24.97 -2.60
N ASP A 16 -12.14 24.79 -1.29
CA ASP A 16 -11.03 25.13 -0.35
C ASP A 16 -9.87 24.12 -0.44
N GLN A 17 -10.18 22.85 -0.64
CA GLN A 17 -9.19 21.87 -0.98
C GLN A 17 -8.50 22.21 -2.28
N GLN A 18 -9.25 22.65 -3.28
CA GLN A 18 -8.65 23.17 -4.52
C GLN A 18 -7.76 24.36 -4.30
N THR A 19 -8.16 25.29 -3.45
CA THR A 19 -7.31 26.46 -3.11
C THR A 19 -5.99 26.03 -2.38
N LEU A 20 -6.07 25.09 -1.45
CA LEU A 20 -4.91 24.54 -0.78
C LEU A 20 -3.96 23.81 -1.77
N LEU A 21 -4.50 22.91 -2.58
CA LEU A 21 -3.68 22.27 -3.62
C LEU A 21 -2.97 23.27 -4.52
N HIS A 22 -3.68 24.27 -4.98
CA HIS A 22 -3.16 25.26 -5.93
C HIS A 22 -2.04 26.01 -5.25
N PHE A 23 -2.23 26.39 -3.99
CA PHE A 23 -1.24 27.13 -3.17
C PHE A 23 0.03 26.27 -2.97
N ILE A 24 -0.15 25.01 -2.60
CA ILE A 24 0.95 24.07 -2.46
C ILE A 24 1.72 23.95 -3.77
N MET A 25 1.02 23.67 -4.86
CA MET A 25 1.66 23.49 -6.19
C MET A 25 2.40 24.72 -6.66
N ASP A 26 1.90 25.90 -6.40
CA ASP A 26 2.62 27.10 -6.77
C ASP A 26 3.95 27.18 -6.04
N SER A 27 3.96 26.86 -4.74
CA SER A 27 5.19 26.78 -3.93
C SER A 27 6.11 25.66 -4.40
N TYR A 28 5.57 24.48 -4.69
CA TYR A 28 6.39 23.35 -5.16
C TYR A 28 7.05 23.59 -6.53
N ASN A 29 6.31 24.15 -7.49
CA ASN A 29 6.85 24.43 -8.84
C ASN A 29 7.83 25.62 -8.84
N LYS A 30 7.91 26.39 -7.76
CA LYS A 30 8.55 27.69 -7.76
C LYS A 30 10.07 27.53 -7.89
N GLN A 31 10.64 26.45 -7.32
CA GLN A 31 12.07 26.21 -7.38
C GLN A 31 12.33 24.80 -7.91
N ARG A 32 13.16 24.72 -8.96
CA ARG A 32 13.50 23.50 -9.69
C ARG A 32 15.02 23.17 -9.63
N MET A 33 15.53 22.33 -10.53
CA MET A 33 16.95 21.98 -10.58
C MET A 33 17.68 22.96 -11.52
N PRO A 34 18.67 23.74 -10.99
CA PRO A 34 19.42 24.65 -11.88
C PRO A 34 20.20 23.92 -12.97
N GLN A 35 20.30 24.55 -14.13
CA GLN A 35 20.96 24.00 -15.31
C GLN A 35 22.43 23.67 -15.12
N GLU A 36 23.12 24.51 -14.35
CA GLU A 36 24.54 24.29 -14.13
C GLU A 36 24.80 22.95 -13.45
N ILE A 37 23.94 22.55 -12.52
CA ILE A 37 24.14 21.28 -11.82
C ILE A 37 23.81 20.11 -12.77
N THR A 38 22.66 20.20 -13.42
CA THR A 38 22.21 19.25 -14.44
C THR A 38 23.26 18.98 -15.54
N ASN A 39 23.91 20.04 -16.01
CA ASN A 39 24.95 19.93 -17.01
C ASN A 39 26.22 19.34 -16.41
N LYS A 40 26.50 19.64 -15.15
CA LYS A 40 27.58 18.99 -14.41
C LYS A 40 27.40 17.46 -14.33
N ILE A 41 26.17 16.98 -14.26
CA ILE A 41 25.91 15.54 -14.29
C ILE A 41 26.37 14.93 -15.59
N LEU A 42 26.08 15.61 -16.70
CA LEU A 42 26.45 15.14 -18.05
C LEU A 42 27.93 15.36 -18.46
N LYS A 43 28.53 16.43 -17.96
CA LYS A 43 29.81 16.92 -18.48
C LYS A 43 31.03 16.82 -17.58
N GLU A 44 30.87 16.67 -16.28
CA GLU A 44 32.03 16.62 -15.38
C GLU A 44 32.75 15.28 -15.47
N ALA A 45 34.04 15.30 -15.11
CA ALA A 45 34.83 14.08 -14.91
C ALA A 45 34.10 13.08 -14.04
N PHE A 46 34.32 11.79 -14.29
CA PHE A 46 33.74 10.73 -13.52
C PHE A 46 34.82 10.18 -12.61
N SER A 47 34.70 10.41 -11.32
CA SER A 47 35.57 9.81 -10.33
C SER A 47 34.86 9.92 -8.99
N ALA A 48 35.18 9.05 -8.04
CA ALA A 48 34.53 9.08 -6.74
C ALA A 48 34.41 10.52 -6.14
N GLU A 49 35.52 11.22 -6.00
CA GLU A 49 35.57 12.61 -5.46
C GLU A 49 34.71 13.63 -6.23
N GLU A 50 34.78 13.57 -7.55
CA GLU A 50 33.98 14.44 -8.39
C GLU A 50 32.48 14.07 -8.36
N ASN A 51 32.19 12.77 -8.39
CA ASN A 51 30.81 12.30 -8.29
C ASN A 51 30.22 12.71 -6.96
N PHE A 52 30.98 12.52 -5.91
CA PHE A 52 30.60 12.96 -4.58
C PHE A 52 30.31 14.48 -4.46
N LEU A 53 31.10 15.28 -5.15
CA LEU A 53 30.95 16.69 -5.08
C LEU A 53 29.67 17.14 -5.74
N ILE A 54 29.38 16.56 -6.90
CA ILE A 54 28.11 16.85 -7.59
C ILE A 54 26.92 16.59 -6.66
N LEU A 55 26.93 15.43 -6.04
CA LEU A 55 25.85 15.02 -5.18
C LEU A 55 25.71 15.89 -3.94
N THR A 56 26.82 16.27 -3.36
CA THR A 56 26.86 17.26 -2.28
C THR A 56 26.23 18.57 -2.71
N GLU A 57 26.47 18.98 -3.96
CA GLU A 57 25.96 20.22 -4.51
C GLU A 57 24.44 20.13 -4.79
N MET A 58 23.97 18.97 -5.25
CA MET A 58 22.53 18.73 -5.38
C MET A 58 21.82 18.70 -4.02
N ALA A 59 22.40 18.02 -3.06
CA ALA A 59 21.81 17.96 -1.75
C ALA A 59 21.73 19.38 -1.12
N THR A 60 22.77 20.17 -1.25
CA THR A 60 22.82 21.54 -0.74
C THR A 60 21.80 22.42 -1.43
N ASN A 61 21.64 22.32 -2.72
CA ASN A 61 20.57 23.08 -3.39
C ASN A 61 19.21 22.62 -2.91
N HIS A 62 19.05 21.32 -2.68
CA HIS A 62 17.81 20.80 -2.15
C HIS A 62 17.45 21.35 -0.78
N VAL A 63 18.42 21.47 0.10
CA VAL A 63 18.16 22.07 1.40
C VAL A 63 17.59 23.47 1.26
N GLN A 64 18.15 24.29 0.39
CA GLN A 64 17.66 25.64 0.15
C GLN A 64 16.22 25.63 -0.32
N VAL A 65 15.93 24.77 -1.31
CA VAL A 65 14.61 24.63 -1.90
C VAL A 65 13.61 24.15 -0.83
N LEU A 66 14.06 23.21 -0.02
CA LEU A 66 13.25 22.62 1.05
C LEU A 66 12.81 23.64 2.10
N VAL A 67 13.72 24.52 2.48
CA VAL A 67 13.43 25.56 3.46
C VAL A 67 12.45 26.57 2.86
N GLU A 68 12.67 26.96 1.60
CA GLU A 68 11.74 27.86 0.91
C GLU A 68 10.32 27.30 0.77
N PHE A 69 10.22 26.03 0.42
CA PHE A 69 8.92 25.38 0.32
C PHE A 69 8.25 25.22 1.70
N THR A 70 9.02 24.82 2.71
CA THR A 70 8.54 24.60 4.06
C THR A 70 7.98 25.85 4.71
N LYS A 71 8.67 26.96 4.53
CA LYS A 71 8.24 28.27 5.07
C LYS A 71 6.89 28.76 4.56
N LYS A 72 6.54 28.33 3.35
CA LYS A 72 5.27 28.69 2.72
C LYS A 72 4.15 27.70 2.99
N LEU A 73 4.39 26.63 3.72
CA LEU A 73 3.30 25.69 4.03
C LEU A 73 2.31 26.36 4.99
N PRO A 74 0.99 26.22 4.72
CA PRO A 74 0.03 26.92 5.58
C PRO A 74 0.18 26.53 7.02
N GLY A 75 0.37 27.54 7.87
CA GLY A 75 0.49 27.37 9.29
C GLY A 75 1.91 27.20 9.79
N PHE A 76 2.87 26.91 8.90
CA PHE A 76 4.20 26.57 9.35
C PHE A 76 4.86 27.72 10.12
N GLN A 77 4.63 28.97 9.68
CA GLN A 77 5.24 30.13 10.37
C GLN A 77 4.58 30.46 11.69
N THR A 78 3.43 29.86 11.99
CA THR A 78 2.73 30.07 13.29
C THR A 78 3.19 29.12 14.38
N LEU A 79 4.00 28.13 14.02
CA LEU A 79 4.49 27.16 14.99
C LEU A 79 5.61 27.78 15.80
N ASP A 80 5.77 27.23 16.98
CA ASP A 80 6.86 27.57 17.89
C ASP A 80 8.16 27.49 17.11
N HIS A 81 8.98 28.52 17.20
CA HIS A 81 10.28 28.52 16.53
C HIS A 81 11.18 27.28 16.72
N GLU A 82 11.16 26.63 17.88
CA GLU A 82 12.00 25.41 18.07
C GLU A 82 11.42 24.24 17.30
N ASP A 83 10.09 24.21 17.19
CA ASP A 83 9.37 23.19 16.40
C ASP A 83 9.66 23.34 14.90
N GLN A 84 9.66 24.57 14.41
CA GLN A 84 10.08 24.83 13.05
C GLN A 84 11.40 24.14 12.74
N ILE A 85 12.39 24.32 13.58
CA ILE A 85 13.73 23.76 13.35
C ILE A 85 13.72 22.25 13.45
N ALA A 86 13.01 21.72 14.44
CA ALA A 86 12.96 20.26 14.62
C ALA A 86 12.33 19.54 13.41
N LEU A 87 11.29 20.16 12.82
CA LEU A 87 10.64 19.62 11.63
C LEU A 87 11.58 19.63 10.43
N LEU A 88 12.26 20.74 10.21
CA LEU A 88 13.28 20.82 9.16
C LEU A 88 14.35 19.77 9.30
N LYS A 89 14.96 19.71 10.46
CA LYS A 89 16.02 18.72 10.75
C LYS A 89 15.50 17.31 10.64
N GLY A 90 14.34 17.06 11.19
CA GLY A 90 13.79 15.72 11.17
C GLY A 90 13.41 15.18 9.83
N SER A 91 13.06 16.07 8.89
CA SER A 91 12.53 15.70 7.61
C SER A 91 13.55 15.83 6.49
N ALA A 92 14.71 16.42 6.75
CA ALA A 92 15.62 16.78 5.67
C ALA A 92 16.00 15.58 4.84
N VAL A 93 16.44 14.51 5.47
CA VAL A 93 16.89 13.31 4.75
C VAL A 93 15.79 12.64 3.94
N GLU A 94 14.66 12.44 4.57
CA GLU A 94 13.50 11.84 3.93
C GLU A 94 13.04 12.66 2.73
N ALA A 95 12.97 13.97 2.91
CA ALA A 95 12.57 14.87 1.83
C ALA A 95 13.58 14.88 0.73
N MET A 96 14.85 14.82 1.08
CA MET A 96 15.93 14.67 0.06
C MET A 96 15.75 13.41 -0.77
N PHE A 97 15.53 12.28 -0.12
CA PHE A 97 15.26 11.04 -0.86
C PHE A 97 14.03 11.06 -1.73
N LEU A 98 12.98 11.70 -1.27
CA LEU A 98 11.76 11.84 -2.07
C LEU A 98 11.96 12.69 -3.29
N ARG A 99 12.64 13.83 -3.16
CA ARG A 99 12.95 14.69 -4.30
C ARG A 99 13.91 13.96 -5.28
N SER A 100 14.92 13.30 -4.71
CA SER A 100 15.85 12.57 -5.55
C SER A 100 15.12 11.46 -6.38
N ALA A 101 14.10 10.81 -5.80
CA ALA A 101 13.28 9.86 -6.57
C ALA A 101 12.53 10.55 -7.68
N GLU A 102 11.98 11.72 -7.43
CA GLU A 102 11.26 12.49 -8.45
C GLU A 102 12.19 12.83 -9.60
N ILE A 103 13.37 13.36 -9.27
CA ILE A 103 14.36 13.74 -10.25
C ILE A 103 14.83 12.55 -11.06
N PHE A 104 15.08 11.45 -10.37
CA PHE A 104 15.57 10.24 -10.99
C PHE A 104 14.55 9.68 -11.97
N ASN A 105 13.27 9.69 -11.63
CA ASN A 105 12.25 9.06 -12.47
C ASN A 105 11.66 9.98 -13.52
N LYS A 106 11.48 11.27 -13.22
CA LYS A 106 10.58 12.13 -13.97
C LYS A 106 11.17 13.38 -14.58
N LYS A 107 12.18 13.98 -13.93
CA LYS A 107 12.61 15.32 -14.38
C LYS A 107 13.91 15.35 -15.20
N LEU A 108 14.42 14.19 -15.63
CA LEU A 108 15.63 14.16 -16.47
C LEU A 108 15.45 13.37 -17.78
N PRO A 109 16.21 13.76 -18.84
CA PRO A 109 16.30 12.89 -20.04
C PRO A 109 16.79 11.49 -19.68
N SER A 110 16.39 10.48 -20.44
CA SER A 110 16.83 9.10 -20.21
C SER A 110 18.38 8.97 -20.04
N GLY A 111 19.14 9.75 -20.80
CA GLY A 111 20.60 9.79 -20.67
C GLY A 111 21.10 10.18 -19.30
N HIS A 112 20.52 11.24 -18.74
CA HIS A 112 21.00 11.84 -17.50
C HIS A 112 20.68 10.97 -16.26
N SER A 113 19.59 10.23 -16.32
CA SER A 113 19.24 9.28 -15.27
C SER A 113 20.26 8.15 -15.17
N ASP A 114 20.64 7.60 -16.32
CA ASP A 114 21.62 6.50 -16.34
C ASP A 114 22.95 6.94 -15.80
N LEU A 115 23.35 8.13 -16.20
CA LEU A 115 24.64 8.70 -15.76
C LEU A 115 24.64 9.12 -14.30
N LEU A 116 23.52 9.63 -13.81
CA LEU A 116 23.41 9.98 -12.41
C LEU A 116 23.44 8.73 -11.56
N GLU A 117 22.70 7.69 -11.97
CA GLU A 117 22.82 6.38 -11.31
C GLU A 117 24.27 5.90 -11.25
N ALA A 118 24.97 5.91 -12.35
CA ALA A 118 26.39 5.55 -12.34
C ALA A 118 27.17 6.38 -11.35
N ARG A 119 27.02 7.70 -11.43
CA ARG A 119 27.74 8.56 -10.49
C ARG A 119 27.42 8.23 -9.03
N ILE A 120 26.15 7.99 -8.72
CA ILE A 120 25.81 7.66 -7.34
C ILE A 120 26.52 6.35 -6.90
N ARG A 121 26.53 5.37 -7.78
CA ARG A 121 27.12 4.05 -7.48
C ARG A 121 28.64 4.08 -7.32
N ASN A 122 29.28 5.17 -7.76
CA ASN A 122 30.71 5.34 -7.64
C ASN A 122 31.04 6.70 -7.08
N SER A 123 30.57 6.93 -5.86
CA SER A 123 30.81 8.17 -5.13
C SER A 123 31.27 7.90 -3.70
N GLY A 124 31.90 6.75 -3.49
CA GLY A 124 32.42 6.37 -2.17
C GLY A 124 31.38 5.87 -1.18
N ILE A 125 30.11 5.77 -1.58
CA ILE A 125 29.05 5.32 -0.71
C ILE A 125 29.09 3.81 -0.63
N SER A 126 28.90 3.30 0.58
CA SER A 126 28.76 1.87 0.86
C SER A 126 27.61 1.22 0.08
N ASP A 127 27.75 -0.04 -0.26
CA ASP A 127 26.63 -0.86 -0.80
C ASP A 127 25.46 -1.06 0.17
N GLU A 128 25.72 -1.03 1.47
CA GLU A 128 24.68 -1.09 2.50
C GLU A 128 23.61 0.00 2.24
N TYR A 129 24.04 1.15 1.72
CA TYR A 129 23.20 2.31 1.50
C TYR A 129 22.62 2.39 0.06
N ILE A 130 23.46 2.12 -0.95
CA ILE A 130 23.06 2.07 -2.37
C ILE A 130 21.85 1.16 -2.70
N THR A 131 21.86 -0.05 -2.16
CA THR A 131 20.83 -1.03 -2.55
C THR A 131 19.42 -0.59 -2.12
N PRO A 132 19.23 -0.19 -0.84
CA PRO A 132 17.87 0.29 -0.46
C PRO A 132 17.43 1.55 -1.20
N MET A 133 18.41 2.38 -1.57
CA MET A 133 18.20 3.59 -2.33
C MET A 133 17.53 3.31 -3.68
N PHE A 134 18.18 2.49 -4.49
CA PHE A 134 17.63 2.16 -5.83
C PHE A 134 16.41 1.30 -5.80
N SER A 135 16.32 0.43 -4.81
CA SER A 135 15.10 -0.30 -4.53
C SER A 135 13.93 0.68 -4.29
N PHE A 136 14.16 1.66 -3.39
CA PHE A 136 13.16 2.68 -3.10
C PHE A 136 12.79 3.47 -4.34
N TYR A 137 13.76 3.85 -5.18
CA TYR A 137 13.44 4.61 -6.40
C TYR A 137 12.60 3.83 -7.40
N LYS A 138 12.80 2.53 -7.46
CA LYS A 138 12.04 1.65 -8.36
C LYS A 138 10.63 1.42 -7.79
N SER A 139 10.56 1.09 -6.51
CA SER A 139 9.30 1.07 -5.76
C SER A 139 8.45 2.34 -6.06
N ILE A 140 8.98 3.53 -5.76
CA ILE A 140 8.22 4.76 -6.00
C ILE A 140 7.84 4.94 -7.47
N GLY A 141 8.78 4.66 -8.36
CA GLY A 141 8.54 4.77 -9.81
C GLY A 141 7.39 3.94 -10.33
N GLU A 142 7.13 2.80 -9.68
CA GLU A 142 6.03 1.91 -10.05
C GLU A 142 4.66 2.43 -9.60
N LEU A 143 4.62 3.35 -8.64
CA LEU A 143 3.39 4.09 -8.29
C LEU A 143 2.96 5.12 -9.33
N LYS A 144 3.86 5.52 -10.24
CA LYS A 144 3.52 6.48 -11.31
C LYS A 144 2.88 7.76 -10.75
N MET A 145 3.55 8.40 -9.81
CA MET A 145 2.98 9.58 -9.14
C MET A 145 3.04 10.78 -10.03
N THR A 146 2.02 11.60 -9.93
CA THR A 146 1.94 12.92 -10.53
C THR A 146 2.70 13.94 -9.70
N GLN A 147 2.89 15.14 -10.22
CA GLN A 147 3.61 16.13 -9.52
C GLN A 147 2.88 16.59 -8.24
N GLU A 148 1.54 16.62 -8.29
CA GLU A 148 0.70 16.94 -7.13
C GLU A 148 0.92 15.95 -6.01
N GLU A 149 1.09 14.68 -6.37
CA GLU A 149 1.29 13.64 -5.40
C GLU A 149 2.66 13.78 -4.72
N TYR A 150 3.71 14.08 -5.50
CA TYR A 150 5.03 14.39 -4.95
C TYR A 150 5.02 15.62 -4.05
N ALA A 151 4.32 16.67 -4.47
CA ALA A 151 4.26 17.88 -3.68
C ALA A 151 3.56 17.62 -2.32
N LEU A 152 2.46 16.90 -2.34
CA LEU A 152 1.73 16.66 -1.11
C LEU A 152 2.44 15.73 -0.18
N LEU A 153 3.05 14.68 -0.72
CA LEU A 153 3.76 13.74 0.09
C LEU A 153 4.99 14.40 0.76
N THR A 154 5.64 15.33 0.04
CA THR A 154 6.77 16.10 0.56
C THR A 154 6.29 16.96 1.68
N ALA A 155 5.16 17.62 1.49
CA ALA A 155 4.57 18.43 2.56
C ALA A 155 4.17 17.58 3.76
N ILE A 156 3.59 16.41 3.54
CA ILE A 156 3.20 15.53 4.64
C ILE A 156 4.38 14.99 5.45
N VAL A 157 5.47 14.66 4.79
CA VAL A 157 6.70 14.21 5.40
C VAL A 157 7.36 15.31 6.23
N ILE A 158 7.33 16.53 5.73
CA ILE A 158 7.85 17.67 6.48
C ILE A 158 7.04 17.95 7.76
N LEU A 159 5.70 17.92 7.63
CA LEU A 159 4.80 18.17 8.77
C LEU A 159 4.47 16.87 9.48
N SER A 160 5.47 16.09 9.79
CA SER A 160 5.28 14.84 10.53
C SER A 160 5.26 15.20 12.00
N PRO A 161 4.17 14.91 12.71
CA PRO A 161 4.12 15.30 14.11
C PRO A 161 4.93 14.38 15.03
N ASP A 162 5.42 13.26 14.56
CA ASP A 162 6.15 12.32 15.42
C ASP A 162 7.68 12.47 15.40
N ARG A 163 8.21 13.57 14.89
CA ARG A 163 9.63 13.87 15.02
C ARG A 163 10.03 14.03 16.50
N GLN A 164 11.31 13.76 16.78
CA GLN A 164 11.83 13.96 18.12
C GLN A 164 11.89 15.47 18.48
N TYR A 165 11.58 15.74 19.75
CA TYR A 165 11.73 17.06 20.35
C TYR A 165 10.74 18.10 19.86
N ILE A 166 9.60 17.63 19.34
CA ILE A 166 8.49 18.50 18.98
C ILE A 166 7.64 18.69 20.24
N LYS A 167 7.45 19.93 20.61
CA LYS A 167 6.76 20.25 21.84
C LYS A 167 5.26 20.17 21.58
N ASP A 168 4.79 20.82 20.51
CA ASP A 168 3.38 20.89 20.22
C ASP A 168 3.00 19.97 19.02
N ARG A 169 2.92 18.67 19.28
CA ARG A 169 2.57 17.68 18.27
C ARG A 169 1.18 17.86 17.71
N GLU A 170 0.23 18.29 18.52
CA GLU A 170 -1.16 18.48 18.04
C GLU A 170 -1.18 19.57 17.00
N ALA A 171 -0.38 20.63 17.22
CA ALA A 171 -0.37 21.73 16.27
C ALA A 171 0.13 21.26 14.87
N VAL A 172 1.10 20.35 14.86
CA VAL A 172 1.64 19.79 13.61
C VAL A 172 0.62 18.90 12.95
N GLU A 173 -0.04 18.02 13.73
CA GLU A 173 -1.16 17.18 13.22
C GLU A 173 -2.21 18.02 12.45
N LYS A 174 -2.61 19.16 12.96
CA LYS A 174 -3.57 20.00 12.32
C LYS A 174 -3.13 20.50 10.99
N LEU A 175 -1.86 20.77 10.84
CA LEU A 175 -1.31 21.21 9.56
C LEU A 175 -1.17 20.07 8.56
N GLN A 176 -0.87 18.86 9.04
CA GLN A 176 -0.64 17.71 8.20
C GLN A 176 -1.92 17.15 7.63
N GLU A 177 -2.98 17.12 8.45
CA GLU A 177 -4.24 16.40 8.17
C GLU A 177 -4.97 16.83 6.88
N PRO A 178 -5.16 18.16 6.67
CA PRO A 178 -5.72 18.65 5.42
C PRO A 178 -4.96 18.20 4.18
N LEU A 179 -3.62 18.13 4.28
CA LEU A 179 -2.78 17.66 3.18
C LEU A 179 -3.01 16.18 2.93
N LEU A 180 -3.09 15.38 3.97
CA LEU A 180 -3.46 13.96 3.84
C LEU A 180 -4.85 13.77 3.22
N ASP A 181 -5.80 14.61 3.60
CA ASP A 181 -7.19 14.46 3.10
C ASP A 181 -7.17 14.75 1.61
N VAL A 182 -6.42 15.79 1.19
CA VAL A 182 -6.35 16.08 -0.24
C VAL A 182 -5.65 14.94 -0.98
N LEU A 183 -4.51 14.47 -0.48
CA LEU A 183 -3.81 13.40 -1.13
C LEU A 183 -4.73 12.19 -1.31
N GLN A 184 -5.49 11.86 -0.26
CA GLN A 184 -6.46 10.75 -0.28
C GLN A 184 -7.49 10.87 -1.40
N LYS A 185 -8.02 12.07 -1.62
CA LYS A 185 -8.97 12.28 -2.71
C LYS A 185 -8.31 12.16 -4.09
N LEU A 186 -7.08 12.63 -4.23
CA LEU A 186 -6.37 12.44 -5.48
C LEU A 186 -6.05 10.97 -5.80
N CYS A 187 -5.93 10.10 -4.80
CA CYS A 187 -5.68 8.69 -5.08
C CYS A 187 -6.94 7.93 -5.53
N LYS A 188 -8.10 8.35 -5.01
CA LYS A 188 -9.38 7.86 -5.50
C LYS A 188 -9.66 8.34 -6.95
N ILE A 189 -9.28 9.58 -7.27
CA ILE A 189 -9.60 10.15 -8.59
C ILE A 189 -8.69 9.64 -9.70
N HIS A 190 -7.37 9.71 -9.52
CA HIS A 190 -6.43 9.32 -10.56
C HIS A 190 -6.19 7.81 -10.68
N GLN A 191 -6.71 7.02 -9.75
CA GLN A 191 -6.65 5.56 -9.83
C GLN A 191 -7.83 4.95 -9.04
N PRO A 192 -9.05 5.02 -9.62
CA PRO A 192 -10.20 4.34 -9.02
C PRO A 192 -10.11 2.82 -9.22
N GLU A 193 -9.50 2.41 -10.33
CA GLU A 193 -8.97 1.06 -10.53
C GLU A 193 -8.41 0.39 -9.23
N ASN A 194 -7.58 1.13 -8.49
CA ASN A 194 -6.87 0.63 -7.27
C ASN A 194 -7.32 1.34 -5.99
N PRO A 195 -8.32 0.78 -5.27
CA PRO A 195 -8.81 1.44 -4.05
C PRO A 195 -7.84 1.47 -2.86
N GLN A 196 -6.76 0.70 -2.89
CA GLN A 196 -5.72 0.77 -1.83
C GLN A 196 -4.50 1.65 -2.20
N HIS A 197 -4.61 2.46 -3.24
CA HIS A 197 -3.49 3.24 -3.75
C HIS A 197 -2.97 4.27 -2.72
N PHE A 198 -3.88 4.97 -2.06
CA PHE A 198 -3.51 5.82 -0.95
C PHE A 198 -2.65 5.13 0.11
N ALA A 199 -3.07 3.96 0.53
CA ALA A 199 -2.31 3.17 1.53
C ALA A 199 -0.95 2.72 0.99
N CYS A 200 -0.89 2.39 -0.30
CA CYS A 200 0.34 2.07 -0.99
C CYS A 200 1.32 3.22 -0.92
N LEU A 201 0.85 4.42 -1.24
CA LEU A 201 1.67 5.63 -1.09
C LEU A 201 2.21 5.77 0.34
N LEU A 202 1.32 5.75 1.31
CA LEU A 202 1.74 5.82 2.70
C LEU A 202 2.66 4.68 3.11
N GLY A 203 2.60 3.55 2.43
CA GLY A 203 3.60 2.47 2.58
C GLY A 203 5.03 2.90 2.23
N ARG A 204 5.18 3.72 1.20
CA ARG A 204 6.49 4.28 0.81
C ARG A 204 7.06 5.22 1.85
N LEU A 205 6.23 5.88 2.65
CA LEU A 205 6.72 6.65 3.81
C LEU A 205 7.44 5.76 4.79
N THR A 206 6.97 4.55 4.99
CA THR A 206 7.69 3.56 5.81
C THR A 206 9.09 3.20 5.28
N GLU A 207 9.20 3.06 3.96
CA GLU A 207 10.51 2.79 3.30
C GLU A 207 11.38 4.03 3.53
N LEU A 208 10.79 5.19 3.33
CA LEU A 208 11.47 6.45 3.49
C LEU A 208 12.16 6.64 4.84
N ARG A 209 11.49 6.24 5.90
CA ARG A 209 12.00 6.39 7.25
C ARG A 209 13.22 5.57 7.47
N THR A 210 13.42 4.49 6.70
CA THR A 210 14.62 3.68 6.90
C THR A 210 15.86 4.41 6.49
N PHE A 211 15.75 5.41 5.61
CA PHE A 211 16.92 6.20 5.21
C PHE A 211 17.49 7.09 6.32
N ASN A 212 16.73 7.31 7.40
CA ASN A 212 17.31 7.99 8.55
C ASN A 212 18.50 7.19 9.15
N HIS A 213 18.29 5.90 9.41
CA HIS A 213 19.38 5.00 9.84
C HIS A 213 20.48 4.93 8.80
N HIS A 214 20.15 4.57 7.57
CA HIS A 214 21.18 4.46 6.51
C HIS A 214 22.04 5.73 6.37
N HIS A 215 21.40 6.91 6.47
CA HIS A 215 22.08 8.19 6.24
C HIS A 215 22.98 8.54 7.43
N ALA A 216 22.48 8.37 8.65
CA ALA A 216 23.33 8.43 9.85
C ALA A 216 24.61 7.54 9.72
N GLU A 217 24.42 6.29 9.29
CA GLU A 217 25.55 5.34 9.06
C GLU A 217 26.54 5.85 8.03
N MET A 218 26.07 6.21 6.84
CA MET A 218 26.96 6.78 5.84
C MET A 218 27.74 8.00 6.36
N LEU A 219 27.11 8.85 7.19
CA LEU A 219 27.78 10.06 7.74
C LEU A 219 28.89 9.83 8.78
N MET A 220 28.61 8.99 9.79
CA MET A 220 29.62 8.59 10.79
C MET A 220 30.79 7.84 10.12
N SER A 221 30.46 7.07 9.08
CA SER A 221 31.43 6.34 8.23
C SER A 221 32.25 7.23 7.27
N TRP A 222 32.37 8.53 7.56
CA TRP A 222 33.26 9.45 6.83
C TRP A 222 34.42 10.03 7.68
N ARG A 223 35.21 10.89 7.06
CA ARG A 223 36.18 11.74 7.74
C ARG A 223 37.40 10.95 8.16
N HIS A 227 35.88 13.56 2.37
CA HIS A 227 35.30 14.70 1.70
C HIS A 227 34.51 15.57 2.67
N LYS A 228 34.56 16.86 2.41
CA LYS A 228 33.87 17.85 3.20
C LYS A 228 32.46 18.06 2.62
N PHE A 229 31.50 18.23 3.51
CA PHE A 229 30.18 18.76 3.09
C PHE A 229 30.15 20.31 3.11
N THR A 230 29.05 20.90 2.70
CA THR A 230 28.86 22.33 2.83
C THR A 230 28.43 22.73 4.24
N PRO A 231 28.64 23.98 4.64
CA PRO A 231 28.22 24.33 6.04
C PRO A 231 26.69 24.17 6.27
N LEU A 232 25.87 24.42 5.24
CA LEU A 232 24.42 24.22 5.38
C LEU A 232 24.07 22.76 5.61
N LEU A 233 24.74 21.85 4.89
CA LEU A 233 24.51 20.41 5.07
C LEU A 233 24.91 19.98 6.44
N CYS A 234 26.09 20.43 6.91
CA CYS A 234 26.57 20.10 8.28
C CYS A 234 25.64 20.58 9.34
N GLU A 235 25.10 21.76 9.18
CA GLU A 235 24.13 22.25 10.14
C GLU A 235 22.85 21.40 10.17
N ILE A 236 22.25 21.13 9.00
CA ILE A 236 20.96 20.45 8.99
C ILE A 236 21.06 18.95 9.29
N TRP A 237 22.17 18.33 8.92
CA TRP A 237 22.44 16.96 9.33
C TRP A 237 23.08 16.75 10.70
N ASP A 238 23.47 17.83 11.39
CA ASP A 238 24.15 17.74 12.72
C ASP A 238 25.57 17.13 12.66
N VAL A 239 26.20 17.23 11.50
CA VAL A 239 27.57 16.79 11.29
C VAL A 239 28.56 17.88 11.72
N ASP B 2 23.87 26.95 17.34
CA ASP B 2 24.20 26.52 15.99
C ASP B 2 22.98 26.61 15.14
N HIS B 3 22.06 27.48 15.45
CA HIS B 3 20.97 27.59 14.57
C HIS B 3 21.23 28.29 13.26
N GLN B 4 22.23 29.14 13.23
CA GLN B 4 22.54 30.32 12.41
C GLN B 4 22.05 30.17 10.95
N LEU B 5 22.58 29.25 10.14
CA LEU B 5 22.07 29.16 8.78
C LEU B 5 20.61 28.85 8.47
N LEU B 6 20.04 27.84 9.12
CA LEU B 6 18.64 27.48 8.98
C LEU B 6 17.74 28.58 9.48
N ARG B 7 18.13 29.16 10.62
CA ARG B 7 17.36 30.28 11.21
C ARG B 7 17.34 31.47 10.23
N TYR B 8 18.50 31.81 9.69
CA TYR B 8 18.59 32.85 8.69
C TYR B 8 17.64 32.52 7.53
N LEU B 9 17.73 31.32 7.00
CA LEU B 9 16.87 30.91 5.86
C LEU B 9 15.37 30.97 6.22
N LEU B 10 14.99 30.53 7.43
CA LEU B 10 13.60 30.62 7.85
C LEU B 10 13.11 32.02 8.06
N ASP B 11 13.90 32.88 8.70
CA ASP B 11 13.43 34.23 9.07
C ASP B 11 13.53 35.27 7.96
N LYS B 12 14.40 35.08 6.98
CA LYS B 12 14.64 36.11 6.00
C LYS B 12 13.43 36.44 5.13
N ASP B 13 13.31 37.71 4.74
CA ASP B 13 12.43 38.13 3.65
C ASP B 13 13.24 38.67 2.46
N GLU C 12 2.97 -1.87 18.89
CA GLU C 12 2.33 -0.60 19.36
C GLU C 12 0.86 -0.50 18.90
N LEU C 13 0.08 -1.52 19.24
CA LEU C 13 -1.37 -1.52 18.98
C LEU C 13 -2.11 -0.86 20.12
N THR C 14 -2.88 0.18 19.81
CA THR C 14 -3.79 0.81 20.76
C THR C 14 -4.71 -0.25 21.37
N PRO C 15 -5.20 -0.07 22.58
CA PRO C 15 -6.09 -1.11 23.11
C PRO C 15 -7.37 -1.39 22.28
N ASP C 16 -7.91 -0.37 21.61
CA ASP C 16 -9.06 -0.53 20.70
C ASP C 16 -8.68 -1.35 19.43
N GLN C 17 -7.51 -1.06 18.89
CA GLN C 17 -6.96 -1.86 17.83
C GLN C 17 -6.75 -3.30 18.29
N GLN C 18 -6.25 -3.50 19.51
CA GLN C 18 -6.16 -4.85 20.07
C GLN C 18 -7.51 -5.54 20.18
N THR C 19 -8.53 -4.81 20.61
CA THR C 19 -9.89 -5.37 20.69
C THR C 19 -10.47 -5.75 19.28
N LEU C 20 -10.24 -4.91 18.29
CA LEU C 20 -10.61 -5.19 16.92
C LEU C 20 -9.88 -6.43 16.36
N LEU C 21 -8.55 -6.46 16.47
CA LEU C 21 -7.80 -7.64 16.03
C LEU C 21 -8.32 -8.92 16.68
N HIS C 22 -8.54 -8.89 17.99
CA HIS C 22 -8.93 -10.08 18.73
C HIS C 22 -10.28 -10.54 18.21
N PHE C 23 -11.20 -9.59 18.00
CA PHE C 23 -12.54 -9.87 17.51
C PHE C 23 -12.51 -10.48 16.09
N ILE C 24 -11.73 -9.87 15.21
CA ILE C 24 -11.52 -10.38 13.86
C ILE C 24 -10.99 -11.83 13.89
N MET C 25 -9.88 -12.04 14.62
CA MET C 25 -9.25 -13.36 14.70
C MET C 25 -10.18 -14.43 15.28
N ASP C 26 -10.98 -14.09 16.28
CA ASP C 26 -11.90 -15.08 16.81
C ASP C 26 -12.91 -15.51 15.76
N SER C 27 -13.43 -14.56 14.98
CA SER C 27 -14.36 -14.88 13.88
C SER C 27 -13.66 -15.65 12.75
N TYR C 28 -12.44 -15.25 12.40
CA TYR C 28 -11.71 -15.96 11.35
C TYR C 28 -11.34 -17.43 11.72
N ASN C 29 -10.88 -17.66 12.95
CA ASN C 29 -10.59 -19.01 13.44
C ASN C 29 -11.79 -19.95 13.56
N LYS C 30 -12.99 -19.39 13.59
CA LYS C 30 -14.20 -20.21 13.51
C LYS C 30 -14.35 -20.86 12.13
N GLN C 31 -13.87 -20.18 11.07
CA GLN C 31 -13.78 -20.78 9.73
C GLN C 31 -12.95 -22.07 9.80
N ARG C 32 -13.54 -23.20 9.40
CA ARG C 32 -12.79 -24.42 9.06
C ARG C 32 -13.40 -25.13 7.84
N MET C 33 -12.62 -26.05 7.29
CA MET C 33 -13.08 -26.93 6.20
C MET C 33 -13.69 -28.19 6.82
N PRO C 34 -15.00 -28.47 6.57
CA PRO C 34 -15.59 -29.72 7.07
C PRO C 34 -14.91 -30.98 6.55
N GLN C 35 -14.92 -32.02 7.37
CA GLN C 35 -14.30 -33.29 7.03
C GLN C 35 -15.07 -34.01 5.89
N GLU C 36 -16.37 -33.74 5.71
CA GLU C 36 -17.11 -34.31 4.56
C GLU C 36 -16.56 -33.88 3.19
N ILE C 37 -16.00 -32.66 3.10
CA ILE C 37 -15.44 -32.16 1.85
C ILE C 37 -14.00 -32.71 1.67
N THR C 38 -13.20 -32.57 2.71
CA THR C 38 -11.82 -33.07 2.76
C THR C 38 -11.70 -34.56 2.40
N ASN C 39 -12.63 -35.38 2.89
CA ASN C 39 -12.68 -36.80 2.58
C ASN C 39 -13.15 -37.01 1.15
N LYS C 40 -14.05 -36.18 0.66
CA LYS C 40 -14.44 -36.18 -0.74
C LYS C 40 -13.23 -35.94 -1.69
N ILE C 41 -12.29 -35.10 -1.27
CA ILE C 41 -11.10 -34.86 -2.06
C ILE C 41 -10.28 -36.14 -2.21
N LEU C 42 -10.14 -36.85 -1.10
CA LEU C 42 -9.33 -38.08 -1.01
C LEU C 42 -10.01 -39.34 -1.58
N LYS C 43 -11.34 -39.42 -1.49
CA LYS C 43 -12.05 -40.67 -1.72
C LYS C 43 -12.97 -40.74 -2.92
N GLU C 44 -13.39 -39.62 -3.49
CA GLU C 44 -14.33 -39.66 -4.62
C GLU C 44 -13.62 -40.10 -5.91
N ALA C 45 -14.37 -40.68 -6.83
CA ALA C 45 -13.88 -40.96 -8.19
C ALA C 45 -13.26 -39.72 -8.82
N PHE C 46 -12.28 -39.94 -9.69
CA PHE C 46 -11.60 -38.89 -10.39
C PHE C 46 -12.15 -38.85 -11.81
N SER C 47 -12.88 -37.80 -12.12
CA SER C 47 -13.37 -37.57 -13.45
C SER C 47 -13.74 -36.10 -13.52
N ALA C 48 -13.73 -35.52 -14.71
CA ALA C 48 -14.04 -34.10 -14.87
C ALA C 48 -15.33 -33.68 -14.10
N GLU C 49 -16.46 -34.37 -14.34
CA GLU C 49 -17.76 -34.09 -13.67
C GLU C 49 -17.71 -34.20 -12.14
N GLU C 50 -17.07 -35.22 -11.63
CA GLU C 50 -16.92 -35.41 -10.19
C GLU C 50 -15.96 -34.38 -9.58
N ASN C 51 -14.85 -34.10 -10.26
CA ASN C 51 -13.90 -33.10 -9.83
C ASN C 51 -14.55 -31.74 -9.78
N PHE C 52 -15.29 -31.42 -10.83
CA PHE C 52 -16.10 -30.21 -10.88
C PHE C 52 -17.11 -30.04 -9.73
N LEU C 53 -17.75 -31.14 -9.37
CA LEU C 53 -18.77 -31.11 -8.36
C LEU C 53 -18.15 -30.81 -7.00
N ILE C 54 -17.02 -31.42 -6.71
CA ILE C 54 -16.30 -31.16 -5.46
C ILE C 54 -16.00 -29.65 -5.33
N LEU C 55 -15.48 -29.06 -6.40
CA LEU C 55 -15.13 -27.66 -6.40
C LEU C 55 -16.32 -26.73 -6.21
N THR C 56 -17.40 -27.08 -6.86
CA THR C 56 -18.67 -26.39 -6.68
C THR C 56 -19.12 -26.46 -5.20
N GLU C 57 -18.91 -27.62 -4.58
CA GLU C 57 -19.28 -27.87 -3.19
C GLU C 57 -18.36 -27.09 -2.20
N MET C 58 -17.08 -26.95 -2.51
CA MET C 58 -16.19 -26.09 -1.74
C MET C 58 -16.57 -24.62 -1.86
N ALA C 59 -16.84 -24.17 -3.07
CA ALA C 59 -17.25 -22.79 -3.25
C ALA C 59 -18.55 -22.46 -2.47
N THR C 60 -19.52 -23.37 -2.53
CA THR C 60 -20.79 -23.23 -1.83
C THR C 60 -20.60 -23.24 -0.33
N ASN C 61 -19.75 -24.09 0.22
CA ASN C 61 -19.51 -24.04 1.66
C ASN C 61 -18.82 -22.72 2.01
N HIS C 62 -17.92 -22.25 1.13
CA HIS C 62 -17.25 -20.98 1.38
C HIS C 62 -18.22 -19.82 1.46
N VAL C 63 -19.23 -19.78 0.60
CA VAL C 63 -20.24 -18.75 0.71
C VAL C 63 -20.86 -18.64 2.12
N GLN C 64 -21.22 -19.77 2.69
CA GLN C 64 -21.78 -19.80 4.04
C GLN C 64 -20.80 -19.29 5.07
N VAL C 65 -19.57 -19.74 4.99
CA VAL C 65 -18.47 -19.32 5.89
C VAL C 65 -18.22 -17.79 5.75
N LEU C 66 -18.24 -17.32 4.51
CA LEU C 66 -18.04 -15.90 4.19
C LEU C 66 -19.12 -14.99 4.82
N VAL C 67 -20.37 -15.43 4.76
CA VAL C 67 -21.48 -14.67 5.31
C VAL C 67 -21.41 -14.68 6.83
N GLU C 68 -21.07 -15.82 7.43
CA GLU C 68 -20.86 -15.88 8.89
C GLU C 68 -19.73 -14.96 9.39
N PHE C 69 -18.62 -14.95 8.68
CA PHE C 69 -17.51 -14.06 9.03
C PHE C 69 -17.87 -12.58 8.81
N THR C 70 -18.52 -12.28 7.69
CA THR C 70 -18.89 -10.93 7.31
C THR C 70 -19.87 -10.28 8.26
N LYS C 71 -20.86 -11.04 8.70
CA LYS C 71 -21.85 -10.48 9.62
C LYS C 71 -21.32 -10.16 11.01
N LYS C 72 -20.19 -10.75 11.39
CA LYS C 72 -19.51 -10.42 12.64
C LYS C 72 -18.45 -9.31 12.51
N LEU C 73 -18.22 -8.77 11.33
CA LEU C 73 -17.24 -7.67 11.20
C LEU C 73 -17.83 -6.41 11.85
N PRO C 74 -17.02 -5.71 12.68
CA PRO C 74 -17.63 -4.62 13.47
C PRO C 74 -18.23 -3.56 12.58
N GLY C 75 -19.51 -3.27 12.79
CA GLY C 75 -20.21 -2.25 12.02
C GLY C 75 -20.95 -2.77 10.81
N PHE C 76 -20.64 -4.00 10.36
CA PHE C 76 -21.27 -4.51 9.16
C PHE C 76 -22.78 -4.58 9.25
N GLN C 77 -23.32 -4.93 10.42
CA GLN C 77 -24.78 -5.04 10.61
C GLN C 77 -25.47 -3.68 10.66
N THR C 78 -24.72 -2.59 10.81
CA THR C 78 -25.28 -1.23 10.87
C THR C 78 -25.40 -0.58 9.49
N LEU C 79 -24.87 -1.22 8.46
CA LEU C 79 -24.92 -0.67 7.12
C LEU C 79 -26.29 -0.92 6.52
N ASP C 80 -26.64 -0.06 5.57
CA ASP C 80 -27.86 -0.16 4.77
C ASP C 80 -27.96 -1.59 4.25
N HIS C 81 -29.11 -2.22 4.47
CA HIS C 81 -29.33 -3.59 3.97
C HIS C 81 -28.97 -3.87 2.50
N GLU C 82 -29.17 -2.91 1.59
CA GLU C 82 -28.82 -3.17 0.18
C GLU C 82 -27.30 -3.12 -0.04
N ASP C 83 -26.62 -2.32 0.76
CA ASP C 83 -25.16 -2.25 0.75
C ASP C 83 -24.54 -3.54 1.33
N GLN C 84 -25.13 -4.08 2.39
CA GLN C 84 -24.71 -5.39 2.88
C GLN C 84 -24.64 -6.40 1.73
N ILE C 85 -25.69 -6.48 0.92
CA ILE C 85 -25.77 -7.45 -0.16
C ILE C 85 -24.77 -7.13 -1.26
N ALA C 86 -24.64 -5.85 -1.59
CA ALA C 86 -23.71 -5.45 -2.64
C ALA C 86 -22.25 -5.79 -2.29
N LEU C 87 -21.89 -5.63 -1.02
CA LEU C 87 -20.56 -5.99 -0.52
C LEU C 87 -20.30 -7.48 -0.61
N LEU C 88 -21.25 -8.29 -0.18
CA LEU C 88 -21.19 -9.74 -0.34
C LEU C 88 -20.99 -10.15 -1.80
N LYS C 89 -21.86 -9.67 -2.68
CA LYS C 89 -21.79 -9.97 -4.10
C LYS C 89 -20.48 -9.47 -4.72
N GLY C 90 -20.09 -8.25 -4.38
CA GLY C 90 -18.88 -7.68 -4.94
C GLY C 90 -17.59 -8.36 -4.57
N SER C 91 -17.56 -8.97 -3.37
CA SER C 91 -16.38 -9.53 -2.79
C SER C 91 -16.29 -11.04 -2.88
N ALA C 92 -17.37 -11.70 -3.31
CA ALA C 92 -17.45 -13.14 -3.21
C ALA C 92 -16.30 -13.83 -3.90
N VAL C 93 -16.02 -13.47 -5.14
CA VAL C 93 -14.97 -14.14 -5.92
C VAL C 93 -13.59 -13.93 -5.36
N GLU C 94 -13.27 -12.69 -5.05
CA GLU C 94 -11.99 -12.37 -4.47
C GLU C 94 -11.75 -13.09 -3.15
N ALA C 95 -12.77 -13.08 -2.29
CA ALA C 95 -12.69 -13.75 -0.99
C ALA C 95 -12.55 -15.25 -1.16
N MET C 96 -13.27 -15.81 -2.14
CA MET C 96 -13.13 -17.22 -2.49
C MET C 96 -11.72 -17.56 -2.91
N PHE C 97 -11.15 -16.81 -3.85
CA PHE C 97 -9.76 -17.06 -4.23
C PHE C 97 -8.73 -16.91 -3.13
N LEU C 98 -8.94 -15.95 -2.23
CA LEU C 98 -8.03 -15.79 -1.10
C LEU C 98 -8.11 -16.96 -0.15
N ARG C 99 -9.32 -17.42 0.20
CA ARG C 99 -9.49 -18.57 1.08
C ARG C 99 -8.95 -19.85 0.40
N SER C 100 -9.24 -20.00 -0.89
CA SER C 100 -8.74 -21.14 -1.64
C SER C 100 -7.20 -21.20 -1.64
N ALA C 101 -6.52 -20.05 -1.71
CA ALA C 101 -5.06 -20.01 -1.58
C ALA C 101 -4.63 -20.46 -0.21
N GLU C 102 -5.32 -19.97 0.83
CA GLU C 102 -5.00 -20.38 2.21
C GLU C 102 -5.16 -21.91 2.37
N ILE C 103 -6.28 -22.45 1.89
CA ILE C 103 -6.56 -23.89 1.95
C ILE C 103 -5.55 -24.71 1.17
N PHE C 104 -5.21 -24.23 -0.02
CA PHE C 104 -4.26 -24.91 -0.86
C PHE C 104 -2.86 -24.98 -0.21
N ASN C 105 -2.42 -23.90 0.43
CA ASN C 105 -1.07 -23.87 1.00
C ASN C 105 -0.98 -24.39 2.44
N LYS C 106 -1.99 -24.15 3.27
CA LYS C 106 -1.85 -24.25 4.73
C LYS C 106 -2.81 -25.20 5.43
N LYS C 107 -4.04 -25.35 4.94
CA LYS C 107 -5.10 -26.00 5.72
C LYS C 107 -5.42 -27.44 5.29
N LEU C 108 -4.59 -28.05 4.45
CA LEU C 108 -4.75 -29.47 4.08
C LEU C 108 -3.50 -30.32 4.35
N PRO C 109 -3.68 -31.64 4.60
CA PRO C 109 -2.51 -32.58 4.58
C PRO C 109 -1.78 -32.51 3.25
N SER C 110 -0.47 -32.73 3.25
CA SER C 110 0.30 -32.61 1.99
C SER C 110 -0.30 -33.50 0.85
N GLY C 111 -0.85 -34.67 1.21
CA GLY C 111 -1.56 -35.53 0.28
C GLY C 111 -2.72 -34.88 -0.44
N HIS C 112 -3.57 -34.20 0.32
CA HIS C 112 -4.82 -33.64 -0.18
C HIS C 112 -4.60 -32.44 -1.12
N SER C 113 -3.55 -31.68 -0.89
CA SER C 113 -3.19 -30.58 -1.75
C SER C 113 -2.81 -31.06 -3.15
N ASP C 114 -2.00 -32.11 -3.21
CA ASP C 114 -1.55 -32.65 -4.49
C ASP C 114 -2.73 -33.19 -5.28
N LEU C 115 -3.60 -33.89 -4.58
CA LEU C 115 -4.79 -34.48 -5.20
C LEU C 115 -5.86 -33.43 -5.60
N LEU C 116 -5.99 -32.38 -4.81
CA LEU C 116 -6.88 -31.30 -5.15
C LEU C 116 -6.36 -30.55 -6.36
N GLU C 117 -5.06 -30.26 -6.40
CA GLU C 117 -4.46 -29.70 -7.63
C GLU C 117 -4.75 -30.57 -8.86
N ALA C 118 -4.53 -31.87 -8.77
CA ALA C 118 -4.91 -32.76 -9.87
C ALA C 118 -6.38 -32.59 -10.24
N ARG C 119 -7.26 -32.67 -9.25
CA ARG C 119 -8.68 -32.51 -9.52
C ARG C 119 -9.00 -31.16 -10.20
N ILE C 120 -8.40 -30.09 -9.75
CA ILE C 120 -8.64 -28.78 -10.37
C ILE C 120 -8.20 -28.79 -11.85
N ARG C 121 -7.05 -29.39 -12.12
CA ARG C 121 -6.48 -29.44 -13.48
C ARG C 121 -7.29 -30.31 -14.46
N ASN C 122 -8.19 -31.14 -13.92
CA ASN C 122 -9.04 -31.99 -14.72
C ASN C 122 -10.48 -31.90 -14.25
N SER C 123 -11.02 -30.68 -14.34
CA SER C 123 -12.39 -30.39 -13.98
C SER C 123 -13.11 -29.59 -15.07
N GLY C 124 -12.62 -29.66 -16.31
CA GLY C 124 -13.22 -28.96 -17.44
C GLY C 124 -13.00 -27.45 -17.49
N ILE C 125 -12.19 -26.91 -16.60
CA ILE C 125 -11.82 -25.49 -16.62
C ILE C 125 -10.75 -25.31 -17.67
N SER C 126 -10.89 -24.23 -18.44
CA SER C 126 -9.91 -23.79 -19.43
C SER C 126 -8.53 -23.57 -18.82
N ASP C 127 -7.49 -23.85 -19.59
CA ASP C 127 -6.11 -23.48 -19.18
C ASP C 127 -5.85 -21.97 -19.08
N GLU C 128 -6.61 -21.17 -19.83
CA GLU C 128 -6.56 -19.71 -19.69
C GLU C 128 -6.77 -19.28 -18.22
N TYR C 129 -7.59 -20.02 -17.48
CA TYR C 129 -7.96 -19.72 -16.10
C TYR C 129 -7.05 -20.44 -15.06
N ILE C 130 -6.75 -21.73 -15.29
CA ILE C 130 -5.87 -22.54 -14.43
C ILE C 130 -4.47 -21.94 -14.17
N THR C 131 -3.83 -21.45 -15.21
CA THR C 131 -2.44 -21.00 -15.06
C THR C 131 -2.31 -19.77 -14.13
N PRO C 132 -3.12 -18.72 -14.34
CA PRO C 132 -3.05 -17.58 -13.38
C PRO C 132 -3.44 -17.93 -11.94
N MET C 133 -4.32 -18.91 -11.82
CA MET C 133 -4.75 -19.43 -10.53
C MET C 133 -3.58 -20.00 -9.74
N PHE C 134 -2.89 -21.01 -10.30
CA PHE C 134 -1.74 -21.61 -9.61
C PHE C 134 -0.56 -20.70 -9.46
N SER C 135 -0.36 -19.82 -10.43
CA SER C 135 0.64 -18.76 -10.29
C SER C 135 0.33 -17.89 -9.07
N PHE C 136 -0.93 -17.43 -8.97
CA PHE C 136 -1.37 -16.66 -7.80
C PHE C 136 -1.20 -17.42 -6.49
N TYR C 137 -1.52 -18.72 -6.45
CA TYR C 137 -1.35 -19.50 -5.23
C TYR C 137 0.10 -19.66 -4.81
N LYS C 138 0.99 -19.74 -5.81
CA LYS C 138 2.46 -19.85 -5.61
C LYS C 138 3.02 -18.51 -5.12
N SER C 139 2.65 -17.44 -5.82
CA SER C 139 2.89 -16.05 -5.41
C SER C 139 2.51 -15.83 -3.92
N ILE C 140 1.26 -16.09 -3.56
CA ILE C 140 0.82 -15.89 -2.18
C ILE C 140 1.58 -16.77 -1.19
N GLY C 141 1.80 -18.03 -1.56
CA GLY C 141 2.57 -18.96 -0.71
C GLY C 141 3.99 -18.50 -0.38
N GLU C 142 4.61 -17.76 -1.32
CA GLU C 142 5.96 -17.24 -1.12
C GLU C 142 6.01 -16.00 -0.21
N LEU C 143 4.87 -15.33 0.00
CA LEU C 143 4.77 -14.28 1.02
C LEU C 143 4.79 -14.83 2.45
N LYS C 144 4.50 -16.12 2.62
CA LYS C 144 4.48 -16.75 3.95
C LYS C 144 3.59 -15.98 4.92
N MET C 145 2.34 -15.75 4.51
CA MET C 145 1.44 -14.92 5.31
C MET C 145 1.00 -15.68 6.52
N THR C 146 0.90 -14.91 7.61
CA THR C 146 0.41 -15.37 8.88
C THR C 146 -1.11 -15.39 8.86
N GLN C 147 -1.71 -16.00 9.86
CA GLN C 147 -3.13 -16.08 9.86
C GLN C 147 -3.80 -14.72 10.07
N GLU C 148 -3.15 -13.83 10.83
CA GLU C 148 -3.61 -12.44 11.00
C GLU C 148 -3.67 -11.71 9.67
N GLU C 149 -2.68 -11.96 8.81
CA GLU C 149 -2.62 -11.32 7.53
C GLU C 149 -3.76 -11.80 6.62
N TYR C 150 -4.03 -13.12 6.60
CA TYR C 150 -5.17 -13.66 5.87
C TYR C 150 -6.51 -13.12 6.38
N ALA C 151 -6.65 -13.06 7.71
CA ALA C 151 -7.88 -12.58 8.28
C ALA C 151 -8.15 -11.13 7.91
N LEU C 152 -7.13 -10.29 8.03
CA LEU C 152 -7.31 -8.89 7.80
C LEU C 152 -7.51 -8.57 6.34
N LEU C 153 -6.75 -9.24 5.46
CA LEU C 153 -6.90 -9.03 4.05
C LEU C 153 -8.28 -9.45 3.55
N THR C 154 -8.83 -10.54 4.11
CA THR C 154 -10.19 -11.01 3.78
C THR C 154 -11.19 -9.97 4.23
N ALA C 155 -11.00 -9.44 5.42
CA ALA C 155 -11.89 -8.38 5.91
C ALA C 155 -11.78 -7.10 5.06
N ILE C 156 -10.56 -6.74 4.68
CA ILE C 156 -10.36 -5.56 3.83
C ILE C 156 -11.00 -5.69 2.45
N VAL C 157 -10.88 -6.86 1.85
CA VAL C 157 -11.46 -7.18 0.57
C VAL C 157 -13.01 -7.14 0.60
N ILE C 158 -13.58 -7.64 1.67
CA ILE C 158 -15.02 -7.60 1.85
C ILE C 158 -15.55 -6.19 2.01
N LEU C 159 -14.85 -5.37 2.81
CA LEU C 159 -15.28 -3.99 3.06
C LEU C 159 -14.63 -3.06 2.07
N SER C 160 -14.72 -3.39 0.79
CA SER C 160 -14.19 -2.54 -0.26
C SER C 160 -15.27 -1.51 -0.57
N PRO C 161 -14.95 -0.22 -0.43
CA PRO C 161 -15.97 0.78 -0.69
C PRO C 161 -16.22 1.04 -2.17
N ASP C 162 -15.41 0.51 -3.07
CA ASP C 162 -15.55 0.81 -4.50
C ASP C 162 -16.33 -0.25 -5.29
N ARG C 163 -17.07 -1.13 -4.60
CA ARG C 163 -17.93 -2.08 -5.29
C ARG C 163 -19.06 -1.37 -6.04
N GLN C 164 -19.54 -2.06 -7.07
CA GLN C 164 -20.74 -1.73 -7.82
C GLN C 164 -21.98 -1.62 -6.92
N TYR C 165 -22.78 -0.58 -7.14
CA TYR C 165 -24.10 -0.44 -6.51
C TYR C 165 -24.10 -0.15 -5.02
N ILE C 166 -22.98 0.36 -4.49
CA ILE C 166 -22.89 0.78 -3.09
C ILE C 166 -23.35 2.23 -3.03
N LYS C 167 -24.36 2.50 -2.25
CA LYS C 167 -24.88 3.84 -2.12
C LYS C 167 -24.01 4.67 -1.17
N ASP C 168 -23.71 4.11 0.00
CA ASP C 168 -22.99 4.83 1.04
C ASP C 168 -21.49 4.36 1.16
N ARG C 169 -20.69 4.81 0.20
CA ARG C 169 -19.27 4.47 0.14
C ARG C 169 -18.49 4.97 1.34
N GLU C 170 -18.84 6.12 1.89
CA GLU C 170 -18.10 6.65 3.05
C GLU C 170 -18.29 5.74 4.23
N ALA C 171 -19.49 5.19 4.39
CA ALA C 171 -19.74 4.31 5.53
C ALA C 171 -18.82 3.07 5.47
N VAL C 172 -18.58 2.55 4.26
CA VAL C 172 -17.74 1.39 4.09
C VAL C 172 -16.28 1.75 4.34
N GLU C 173 -15.82 2.89 3.81
CA GLU C 173 -14.47 3.43 4.10
C GLU C 173 -14.16 3.46 5.61
N LYS C 174 -15.10 3.91 6.42
CA LYS C 174 -14.90 4.00 7.87
C LYS C 174 -14.67 2.64 8.49
N LEU C 175 -15.32 1.60 7.96
CA LEU C 175 -15.09 0.23 8.46
C LEU C 175 -13.78 -0.39 7.96
N GLN C 176 -13.38 -0.05 6.74
CA GLN C 176 -12.19 -0.62 6.11
C GLN C 176 -10.90 -0.06 6.69
N GLU C 177 -10.84 1.26 6.92
CA GLU C 177 -9.61 1.93 7.33
C GLU C 177 -8.93 1.48 8.60
N PRO C 178 -9.64 1.33 9.68
CA PRO C 178 -9.05 0.74 10.87
C PRO C 178 -8.40 -0.63 10.62
N LEU C 179 -8.98 -1.45 9.74
CA LEU C 179 -8.39 -2.74 9.36
C LEU C 179 -7.08 -2.54 8.65
N LEU C 180 -7.05 -1.62 7.67
CA LEU C 180 -5.79 -1.27 7.02
C LEU C 180 -4.71 -0.72 7.97
N ASP C 181 -5.14 0.07 8.95
CA ASP C 181 -4.20 0.68 9.89
C ASP C 181 -3.60 -0.43 10.72
N VAL C 182 -4.41 -1.38 11.16
CA VAL C 182 -3.89 -2.48 11.96
C VAL C 182 -2.97 -3.33 11.11
N LEU C 183 -3.37 -3.71 9.90
CA LEU C 183 -2.52 -4.54 9.07
C LEU C 183 -1.15 -3.85 8.91
N GLN C 184 -1.16 -2.54 8.66
CA GLN C 184 0.08 -1.75 8.51
C GLN C 184 1.01 -1.83 9.72
N LYS C 185 0.45 -1.76 10.91
CA LYS C 185 1.23 -1.94 12.15
C LYS C 185 1.78 -3.34 12.31
N LEU C 186 1.02 -4.36 11.93
CA LEU C 186 1.56 -5.73 11.95
C LEU C 186 2.70 -5.95 10.97
N CYS C 187 2.75 -5.20 9.88
CA CYS C 187 3.87 -5.34 8.93
C CYS C 187 5.17 -4.66 9.43
N LYS C 188 5.02 -3.57 10.16
CA LYS C 188 6.15 -2.95 10.86
C LYS C 188 6.65 -3.82 12.01
N ILE C 189 5.76 -4.51 12.74
CA ILE C 189 6.14 -5.30 13.91
C ILE C 189 6.81 -6.63 13.53
N HIS C 190 6.14 -7.42 12.71
CA HIS C 190 6.64 -8.76 12.38
C HIS C 190 7.74 -8.78 11.30
N GLN C 191 8.00 -7.64 10.67
CA GLN C 191 9.09 -7.51 9.72
C GLN C 191 9.52 -6.02 9.69
N PRO C 192 10.28 -5.57 10.71
CA PRO C 192 10.91 -4.23 10.62
C PRO C 192 12.09 -4.27 9.62
N GLU C 193 12.76 -5.42 9.56
CA GLU C 193 13.64 -5.83 8.47
C GLU C 193 13.13 -5.38 7.08
N ASN C 194 11.83 -5.60 6.78
CA ASN C 194 11.25 -5.48 5.43
C ASN C 194 10.16 -4.37 5.35
N PRO C 195 10.57 -3.14 5.01
CA PRO C 195 9.60 -2.03 5.01
C PRO C 195 8.58 -2.10 3.84
N GLN C 196 8.82 -2.95 2.84
CA GLN C 196 7.92 -3.07 1.72
C GLN C 196 6.90 -4.22 1.83
N HIS C 197 6.83 -4.91 2.98
CA HIS C 197 5.92 -6.03 3.15
C HIS C 197 4.45 -5.60 3.03
N PHE C 198 4.08 -4.50 3.71
CA PHE C 198 2.74 -3.97 3.59
C PHE C 198 2.30 -3.75 2.16
N ALA C 199 3.17 -3.11 1.38
CA ALA C 199 2.91 -2.85 -0.05
C ALA C 199 2.79 -4.13 -0.86
N CYS C 200 3.55 -5.15 -0.50
CA CYS C 200 3.49 -6.44 -1.15
C CYS C 200 2.19 -7.10 -0.94
N LEU C 201 1.75 -7.07 0.31
CA LEU C 201 0.42 -7.57 0.60
C LEU C 201 -0.65 -6.88 -0.25
N LEU C 202 -0.67 -5.56 -0.21
CA LEU C 202 -1.60 -4.83 -1.03
C LEU C 202 -1.44 -5.08 -2.51
N GLY C 203 -0.24 -5.46 -2.95
CA GLY C 203 0.00 -5.90 -4.34
C GLY C 203 -0.74 -7.18 -4.70
N ARG C 204 -0.82 -8.13 -3.76
CA ARG C 204 -1.57 -9.36 -3.99
C ARG C 204 -3.09 -9.11 -4.08
N LEU C 205 -3.60 -8.09 -3.39
CA LEU C 205 -5.01 -7.69 -3.57
C LEU C 205 -5.25 -7.26 -5.03
N THR C 206 -4.30 -6.58 -5.62
CA THR C 206 -4.39 -6.21 -7.03
C THR C 206 -4.43 -7.43 -7.97
N GLU C 207 -3.63 -8.46 -7.66
CA GLU C 207 -3.62 -9.72 -8.42
C GLU C 207 -5.01 -10.37 -8.26
N LEU C 208 -5.49 -10.38 -7.03
CA LEU C 208 -6.77 -10.94 -6.69
C LEU C 208 -7.92 -10.39 -7.54
N ARG C 209 -7.93 -9.07 -7.78
CA ARG C 209 -8.96 -8.43 -8.53
C ARG C 209 -9.01 -8.89 -9.94
N THR C 210 -7.91 -9.40 -10.49
CA THR C 210 -7.96 -9.89 -11.88
C THR C 210 -8.82 -11.14 -12.02
N PHE C 211 -9.00 -11.88 -10.93
CA PHE C 211 -9.89 -13.03 -10.95
C PHE C 211 -11.39 -12.69 -11.10
N ASN C 212 -11.79 -11.43 -10.90
CA ASN C 212 -13.13 -11.01 -11.27
C ASN C 212 -13.43 -11.21 -12.77
N HIS C 213 -12.54 -10.73 -13.65
CA HIS C 213 -12.65 -10.97 -15.09
C HIS C 213 -12.60 -12.46 -15.38
N HIS C 214 -11.54 -13.12 -14.93
CA HIS C 214 -11.40 -14.55 -15.23
C HIS C 214 -12.66 -15.37 -14.81
N HIS C 215 -13.21 -15.05 -13.63
CA HIS C 215 -14.33 -15.80 -13.05
C HIS C 215 -15.62 -15.53 -13.78
N ALA C 216 -15.90 -14.27 -14.11
CA ALA C 216 -17.00 -13.95 -15.03
C ALA C 216 -16.95 -14.79 -16.32
N GLU C 217 -15.77 -14.85 -16.95
CA GLU C 217 -15.54 -15.64 -18.18
C GLU C 217 -15.84 -17.13 -17.97
N MET C 218 -15.16 -17.71 -17.00
CA MET C 218 -15.42 -19.11 -16.70
C MET C 218 -16.89 -19.43 -16.39
N LEU C 219 -17.57 -18.51 -15.71
CA LEU C 219 -18.98 -18.66 -15.28
C LEU C 219 -20.03 -18.63 -16.40
N MET C 220 -19.91 -17.67 -17.32
CA MET C 220 -20.82 -17.59 -18.46
C MET C 220 -20.60 -18.82 -19.31
N SER C 221 -19.33 -19.19 -19.46
CA SER C 221 -18.89 -20.36 -20.24
C SER C 221 -19.34 -21.74 -19.68
N TRP C 222 -20.25 -21.76 -18.71
CA TRP C 222 -20.56 -23.00 -17.96
C TRP C 222 -22.04 -23.15 -17.78
N ARG C 223 -22.70 -22.07 -17.36
CA ARG C 223 -24.16 -21.93 -17.44
C ARG C 223 -24.75 -22.07 -18.87
N VAL C 224 -24.04 -21.62 -19.91
CA VAL C 224 -24.46 -21.91 -21.32
C VAL C 224 -24.53 -23.41 -21.61
N ASN C 225 -23.60 -24.17 -21.03
CA ASN C 225 -23.60 -25.65 -21.10
C ASN C 225 -24.46 -26.29 -20.02
N ASP C 226 -25.41 -25.51 -19.50
CA ASP C 226 -26.54 -26.00 -18.71
C ASP C 226 -26.12 -26.70 -17.41
N HIS C 227 -24.96 -26.30 -16.88
CA HIS C 227 -24.46 -26.93 -15.67
C HIS C 227 -25.09 -26.31 -14.43
N LYS C 228 -25.35 -27.17 -13.47
CA LYS C 228 -26.01 -26.77 -12.25
C LYS C 228 -24.95 -26.37 -11.20
N PHE C 229 -25.19 -25.23 -10.57
CA PHE C 229 -24.49 -24.80 -9.39
C PHE C 229 -25.57 -24.92 -8.33
N THR C 230 -25.24 -24.54 -7.11
CA THR C 230 -26.21 -24.52 -6.04
C THR C 230 -27.03 -23.22 -6.08
N PRO C 231 -28.22 -23.22 -5.45
CA PRO C 231 -28.98 -21.97 -5.41
C PRO C 231 -28.23 -20.79 -4.75
N LEU C 232 -27.43 -21.10 -3.73
CA LEU C 232 -26.65 -20.08 -3.04
C LEU C 232 -25.59 -19.48 -3.93
N LEU C 233 -24.93 -20.30 -4.74
CA LEU C 233 -23.92 -19.78 -5.69
C LEU C 233 -24.54 -18.88 -6.71
N CYS C 234 -25.68 -19.30 -7.25
CA CYS C 234 -26.40 -18.50 -8.26
C CYS C 234 -26.85 -17.17 -7.70
N GLU C 235 -27.30 -17.18 -6.47
CA GLU C 235 -27.68 -15.93 -5.84
C GLU C 235 -26.49 -14.98 -5.64
N ILE C 236 -25.39 -15.48 -5.10
CA ILE C 236 -24.26 -14.61 -4.77
C ILE C 236 -23.46 -14.15 -6.00
N TRP C 237 -23.38 -15.00 -7.02
CA TRP C 237 -22.79 -14.60 -8.29
C TRP C 237 -23.73 -13.91 -9.29
N ASP C 238 -25.02 -13.77 -8.94
CA ASP C 238 -26.01 -13.02 -9.73
C ASP C 238 -26.41 -13.72 -11.03
N VAL C 239 -26.22 -15.04 -11.10
CA VAL C 239 -26.61 -15.84 -12.25
C VAL C 239 -28.08 -16.25 -12.12
N ASP D 2 -36.16 -11.41 -3.60
CA ASP D 2 -34.92 -10.62 -3.90
C ASP D 2 -33.76 -10.93 -2.92
N HIS D 3 -32.90 -11.88 -3.28
CA HIS D 3 -31.74 -12.28 -2.46
C HIS D 3 -32.13 -13.02 -1.16
N GLN D 4 -33.15 -13.84 -1.32
CA GLN D 4 -33.74 -14.62 -0.23
C GLN D 4 -32.77 -15.45 0.62
N LEU D 5 -31.96 -16.33 0.01
CA LEU D 5 -31.01 -17.12 0.80
C LEU D 5 -29.93 -16.34 1.55
N LEU D 6 -29.32 -15.36 0.89
CA LEU D 6 -28.34 -14.47 1.52
C LEU D 6 -28.95 -13.69 2.65
N ARG D 7 -30.15 -13.15 2.39
CA ARG D 7 -30.89 -12.38 3.38
C ARG D 7 -31.20 -13.25 4.61
N TYR D 8 -31.69 -14.45 4.40
CA TYR D 8 -31.93 -15.39 5.47
C TYR D 8 -30.63 -15.59 6.26
N LEU D 9 -29.53 -15.87 5.57
CA LEU D 9 -28.24 -16.06 6.26
C LEU D 9 -27.79 -14.82 7.05
N LEU D 10 -27.94 -13.64 6.47
CA LEU D 10 -27.59 -12.39 7.16
C LEU D 10 -28.47 -12.10 8.36
N ASP D 11 -29.79 -12.29 8.24
CA ASP D 11 -30.73 -11.88 9.31
C ASP D 11 -30.89 -12.90 10.43
N LYS D 12 -30.56 -14.14 10.19
CA LYS D 12 -30.73 -15.14 11.23
C LYS D 12 -29.83 -14.92 12.40
N ASP D 13 -30.29 -15.34 13.57
CA ASP D 13 -29.53 -15.09 14.82
C ASP D 13 -29.50 -16.38 15.63
C AWL E . 22.91 11.24 -3.47
C10 AWL E . 19.83 13.36 -6.17
C6 AWL E . 24.34 12.01 0.87
C19 AWL E . 25.73 12.57 1.22
C17 AWL E . 26.01 13.86 0.45
C21 AWL E . 26.80 11.55 0.83
C20 AWL E . 26.74 11.26 -0.66
C7 AWL E . 25.35 10.69 -0.99
C18 AWL E . 26.99 12.55 -1.44
C16 AWL E . 25.92 13.57 -1.05
C8 AWL E . 24.51 13.04 -1.34
C5 AWL E . 24.24 11.71 -0.63
C4 AWL E . 22.91 11.04 -0.94
O AWL E . 22.38 10.44 -0.02
N AWL E . 22.30 11.04 -2.16
C1 AWL E . 20.88 10.80 -2.26
C2 AWL E . 20.30 11.15 -3.63
C3 AWL E . 22.31 12.58 -3.90
N1 AWL E . 20.90 12.36 -4.10
C9 AWL E . 20.17 13.36 -4.72
C14 AWL E . 19.70 14.39 -3.96
C13 AWL E . 18.94 15.37 -4.54
CL AWL E . 18.34 16.67 -3.53
C12 AWL E . 18.62 15.42 -5.87
C11 AWL E . 19.06 14.40 -6.70
C15 AWL E . 20.29 12.27 -7.10
C AWL F . -13.66 -23.12 -7.36
C10 AWL F . -10.67 -24.25 -4.07
C6 AWL F . -15.15 -21.52 -11.42
C19 AWL F . -16.44 -22.00 -12.11
C17 AWL F . -17.61 -21.89 -11.14
C21 AWL F . -16.28 -23.47 -12.48
C20 AWL F . -15.93 -24.30 -11.22
C7 AWL F . -14.64 -23.77 -10.58
C18 AWL F . -17.07 -24.20 -10.20
C16 AWL F . -17.32 -22.73 -9.87
C8 AWL F . -16.07 -22.13 -9.22
C5 AWL F . -14.83 -22.31 -10.12
C4 AWL F . -13.51 -21.81 -9.51
O AWL F . -12.92 -20.89 -10.06
N AWL F . -12.95 -22.32 -8.39
C1 AWL F . -11.52 -22.08 -8.15
C2 AWL F . -11.20 -22.06 -6.67
C3 AWL F . -12.66 -24.06 -6.77
N1 AWL F . -11.83 -23.17 -6.03
C9 AWL F . -11.73 -23.37 -4.66
C14 AWL F . -12.65 -22.75 -3.81
C13 AWL F . -12.56 -22.94 -2.45
CL AWL F . -13.74 -22.15 -1.38
C12 AWL F . -11.56 -23.76 -1.89
C11 AWL F . -10.63 -24.41 -2.68
C15 AWL F . -9.66 -24.93 -4.94
#